data_1J04
#
_entry.id   1J04
#
_cell.length_a   89.491
_cell.length_b   89.491
_cell.length_c   142.823
_cell.angle_alpha   90.00
_cell.angle_beta   90.00
_cell.angle_gamma   90.00
#
_symmetry.space_group_name_H-M   'P 41 21 2'
#
loop_
_entity.id
_entity.type
_entity.pdbx_description
1 polymer 'alanine--glyoxylate aminotransferase'
2 non-polymer '(AMINOOXY)ACETIC ACID'
3 non-polymer GLYCEROL
4 water water
#
_entity_poly.entity_id   1
_entity_poly.type   'polypeptide(L)'
_entity_poly.pdbx_seq_one_letter_code
;MASHKLLVTPPKALLKPLSIPNQLLLGPGPSNLPPRIMAAGGLQMIGSMSKDMYQIMDEIKEGIQYVFQTRNPLTLVISG
SGHCALEAALVNVLEPGDSFLVGANGIWGQRAVDIGERIGARVHPMTKDPGGHYTLQEVEEGLAQHKPVLLFLTHGESST
GVLQPLDGFRELCHRYKCLLLVDSVASLGGTPLYMDRQGIDILYSGSQ(LLP)ALNAPPGTSLISFSDKAKKKMYSRKTK
PFSFYLDIKWLANFWGCDDQPRMYHHTIPVISLYSLRESLALIAEQGLENSWRQHREAAAYLHGRLQALGLQLFVKDPAL
RLPTVTTVAVPAGYDWRDIVSYVIDHFDIEIMGGLGPSTGKVLRIGLLGCNATRENVDRVTEALRAALQHCPKKKL
;
_entity_poly.pdbx_strand_id   A
#
# COMPACT_ATOMS: atom_id res chain seq x y z
N HIS A 4 -8.40 -13.58 -47.26
CA HIS A 4 -8.08 -15.03 -47.03
C HIS A 4 -6.76 -15.16 -46.27
N LYS A 5 -6.12 -14.03 -45.98
CA LYS A 5 -4.84 -14.05 -45.29
C LYS A 5 -5.03 -13.69 -43.83
N LEU A 6 -3.95 -13.23 -43.18
CA LEU A 6 -4.00 -12.82 -41.80
C LEU A 6 -3.73 -11.32 -41.75
N LEU A 7 -4.72 -10.56 -41.28
CA LEU A 7 -4.59 -9.11 -41.19
C LEU A 7 -3.30 -8.69 -40.48
N VAL A 8 -3.10 -9.17 -39.26
CA VAL A 8 -1.91 -8.80 -38.50
C VAL A 8 -0.80 -9.85 -38.61
N THR A 9 0.41 -9.38 -38.85
CA THR A 9 1.59 -10.24 -38.97
C THR A 9 2.41 -10.15 -37.69
N PRO A 10 3.33 -11.10 -37.45
CA PRO A 10 4.14 -11.07 -36.23
C PRO A 10 4.68 -9.68 -36.01
N PRO A 11 4.51 -9.11 -34.81
CA PRO A 11 5.01 -7.76 -34.53
C PRO A 11 6.53 -7.71 -34.56
N LYS A 12 7.09 -6.82 -35.36
CA LYS A 12 8.53 -6.68 -35.48
C LYS A 12 9.23 -6.63 -34.11
N ALA A 13 8.80 -5.70 -33.27
CA ALA A 13 9.40 -5.51 -31.94
C ALA A 13 9.46 -6.77 -31.08
N LEU A 14 8.42 -7.62 -31.16
CA LEU A 14 8.41 -8.82 -30.36
C LEU A 14 9.51 -9.78 -30.80
N LEU A 15 9.92 -9.67 -32.05
CA LEU A 15 10.95 -10.54 -32.58
C LEU A 15 12.31 -10.19 -31.96
N LYS A 16 12.36 -9.10 -31.22
CA LYS A 16 13.59 -8.70 -30.54
C LYS A 16 13.57 -9.37 -29.16
N PRO A 17 14.72 -9.42 -28.47
CA PRO A 17 14.79 -10.03 -27.14
C PRO A 17 14.38 -9.01 -26.07
N LEU A 18 13.81 -9.49 -24.98
CA LEU A 18 13.39 -8.63 -23.89
C LEU A 18 14.65 -8.05 -23.26
N SER A 19 14.71 -6.74 -23.11
CA SER A 19 15.87 -6.10 -22.52
C SER A 19 15.42 -5.03 -21.52
N ILE A 20 15.78 -5.17 -20.26
CA ILE A 20 15.35 -4.18 -19.29
C ILE A 20 16.52 -3.45 -18.67
N PRO A 21 16.44 -2.12 -18.60
CA PRO A 21 17.50 -1.30 -18.01
C PRO A 21 17.72 -1.62 -16.54
N ASN A 22 18.83 -1.13 -16.00
CA ASN A 22 19.12 -1.33 -14.60
C ASN A 22 18.60 -0.08 -13.91
N GLN A 23 17.67 -0.24 -12.99
CA GLN A 23 17.11 0.92 -12.30
C GLN A 23 17.10 0.72 -10.78
N LEU A 24 17.57 1.73 -10.06
CA LEU A 24 17.57 1.70 -8.61
C LEU A 24 16.32 2.48 -8.22
N LEU A 25 15.28 1.77 -7.77
CA LEU A 25 14.01 2.39 -7.42
C LEU A 25 13.93 2.93 -6.00
N LEU A 26 13.89 4.25 -5.86
CA LEU A 26 13.81 4.88 -4.55
C LEU A 26 12.67 5.92 -4.53
N GLY A 27 11.52 5.51 -5.04
CA GLY A 27 10.36 6.37 -5.07
C GLY A 27 9.29 5.69 -4.24
N PRO A 28 8.06 6.21 -4.22
CA PRO A 28 6.96 5.62 -3.44
C PRO A 28 6.56 4.20 -3.82
N GLY A 29 7.34 3.55 -4.68
CA GLY A 29 7.04 2.19 -5.08
C GLY A 29 6.72 2.07 -6.56
N PRO A 30 6.90 0.88 -7.15
CA PRO A 30 7.38 -0.34 -6.49
C PRO A 30 8.85 -0.20 -6.10
N SER A 31 9.35 -1.14 -5.32
CA SER A 31 10.72 -1.14 -4.86
C SER A 31 11.48 -2.24 -5.58
N ASN A 32 12.79 -2.30 -5.42
CA ASN A 32 13.60 -3.32 -6.05
C ASN A 32 13.42 -4.67 -5.37
N LEU A 33 13.54 -5.74 -6.14
CA LEU A 33 13.41 -7.08 -5.63
C LEU A 33 14.78 -7.67 -5.24
N PRO A 34 14.85 -8.36 -4.08
CA PRO A 34 16.07 -8.99 -3.57
C PRO A 34 16.33 -10.28 -4.34
N PRO A 35 17.57 -10.77 -4.31
CA PRO A 35 17.79 -12.01 -5.06
C PRO A 35 16.81 -13.13 -4.72
N ARG A 36 16.44 -13.29 -3.45
CA ARG A 36 15.49 -14.37 -3.08
C ARG A 36 14.15 -14.23 -3.78
N ILE A 37 13.66 -13.01 -3.90
CA ILE A 37 12.39 -12.77 -4.54
C ILE A 37 12.50 -12.98 -6.05
N MET A 38 13.62 -12.57 -6.63
CA MET A 38 13.84 -12.72 -8.05
C MET A 38 13.95 -14.20 -8.36
N ALA A 39 14.59 -14.95 -7.48
CA ALA A 39 14.77 -16.38 -7.69
C ALA A 39 13.41 -17.09 -7.68
N ALA A 40 12.57 -16.76 -6.71
CA ALA A 40 11.27 -17.39 -6.62
C ALA A 40 10.47 -17.17 -7.92
N GLY A 41 10.52 -15.93 -8.42
CA GLY A 41 9.80 -15.58 -9.64
C GLY A 41 10.24 -16.30 -10.89
N GLY A 42 11.34 -17.05 -10.79
CA GLY A 42 11.83 -17.79 -11.94
C GLY A 42 11.58 -19.28 -11.85
N LEU A 43 10.77 -19.71 -10.87
CA LEU A 43 10.48 -21.14 -10.69
C LEU A 43 9.34 -21.61 -11.58
N GLN A 44 9.17 -22.94 -11.68
CA GLN A 44 8.09 -23.53 -12.45
C GLN A 44 6.73 -23.60 -11.78
N MET A 45 5.72 -23.75 -12.63
CA MET A 45 4.35 -23.86 -12.23
C MET A 45 4.02 -25.16 -11.53
N ILE A 46 2.95 -25.14 -10.75
CA ILE A 46 2.42 -26.29 -10.06
C ILE A 46 0.91 -26.12 -10.15
N GLY A 47 0.14 -27.16 -9.80
CA GLY A 47 -1.31 -27.04 -9.88
C GLY A 47 -1.86 -25.90 -9.04
N SER A 48 -2.68 -25.05 -9.66
CA SER A 48 -3.25 -23.92 -8.96
C SER A 48 -4.18 -24.41 -7.87
N MET A 49 -4.38 -25.71 -7.79
CA MET A 49 -5.26 -26.25 -6.78
C MET A 49 -4.68 -27.54 -6.17
N SER A 50 -3.35 -27.65 -6.20
CA SER A 50 -2.65 -28.82 -5.67
C SER A 50 -2.35 -28.66 -4.18
N LYS A 51 -2.20 -29.77 -3.47
CA LYS A 51 -1.89 -29.72 -2.03
C LYS A 51 -0.75 -28.78 -1.71
N ASP A 52 0.23 -28.68 -2.60
CA ASP A 52 1.38 -27.80 -2.43
C ASP A 52 0.99 -26.31 -2.52
N MET A 53 0.13 -25.92 -3.45
CA MET A 53 -0.30 -24.51 -3.49
C MET A 53 -1.01 -24.16 -2.21
N TYR A 54 -1.84 -25.07 -1.71
CA TYR A 54 -2.56 -24.84 -0.48
C TYR A 54 -1.56 -24.61 0.64
N GLN A 55 -0.52 -25.45 0.74
CA GLN A 55 0.47 -25.18 1.76
C GLN A 55 1.10 -23.83 1.59
N ILE A 56 1.55 -23.51 0.37
CA ILE A 56 2.17 -22.23 0.13
C ILE A 56 1.21 -21.14 0.56
N MET A 57 -0.08 -21.35 0.26
CA MET A 57 -1.14 -20.42 0.60
C MET A 57 -1.31 -20.31 2.12
N ASP A 58 -1.28 -21.42 2.83
CA ASP A 58 -1.42 -21.38 4.27
C ASP A 58 -0.24 -20.70 4.93
N GLU A 59 0.93 -20.83 4.32
CA GLU A 59 2.13 -20.24 4.88
C GLU A 59 2.04 -18.72 4.73
N ILE A 60 1.49 -18.26 3.60
CA ILE A 60 1.32 -16.85 3.34
C ILE A 60 0.33 -16.26 4.34
N LYS A 61 -0.76 -16.97 4.62
CA LYS A 61 -1.72 -16.51 5.61
C LYS A 61 -0.99 -16.23 6.92
N GLU A 62 -0.17 -17.18 7.32
CA GLU A 62 0.55 -17.05 8.57
C GLU A 62 1.44 -15.80 8.52
N GLY A 63 2.05 -15.55 7.36
CA GLY A 63 2.89 -14.39 7.23
C GLY A 63 2.10 -13.11 7.35
N ILE A 64 0.90 -13.07 6.78
CA ILE A 64 0.09 -11.87 6.85
C ILE A 64 -0.37 -11.62 8.27
N GLN A 65 -0.58 -12.69 9.03
CA GLN A 65 -1.02 -12.57 10.41
C GLN A 65 0.17 -12.04 11.21
N TYR A 66 1.37 -12.39 10.78
CA TYR A 66 2.56 -11.92 11.44
C TYR A 66 2.73 -10.42 11.16
N VAL A 67 2.92 -10.05 9.90
CA VAL A 67 3.11 -8.63 9.59
C VAL A 67 1.96 -7.75 10.06
N PHE A 68 0.73 -8.27 10.02
CA PHE A 68 -0.42 -7.51 10.47
C PHE A 68 -0.57 -7.56 11.99
N GLN A 69 -0.19 -8.70 12.58
CA GLN A 69 -0.27 -8.90 14.02
C GLN A 69 -1.78 -9.12 14.33
N THR A 70 -2.34 -10.19 13.78
CA THR A 70 -3.74 -10.55 13.99
C THR A 70 -3.89 -12.08 13.95
N ARG A 71 -5.02 -12.58 14.41
CA ARG A 71 -5.26 -14.03 14.41
C ARG A 71 -6.56 -14.23 13.61
N ASN A 72 -7.06 -13.16 13.02
CA ASN A 72 -8.29 -13.22 12.24
C ASN A 72 -8.26 -14.38 11.26
N PRO A 73 -9.23 -15.30 11.39
CA PRO A 73 -9.24 -16.42 10.46
C PRO A 73 -9.48 -15.91 9.04
N LEU A 74 -10.14 -14.77 8.93
CA LEU A 74 -10.42 -14.23 7.62
C LEU A 74 -9.31 -13.25 7.19
N THR A 75 -8.20 -13.85 6.74
CA THR A 75 -7.03 -13.14 6.27
C THR A 75 -6.55 -13.85 5.01
N LEU A 76 -6.34 -13.10 3.94
CA LEU A 76 -5.94 -13.69 2.68
C LEU A 76 -5.33 -12.71 1.70
N VAL A 77 -4.88 -13.23 0.57
CA VAL A 77 -4.26 -12.44 -0.48
C VAL A 77 -5.29 -12.14 -1.55
N ILE A 78 -5.35 -10.88 -1.98
CA ILE A 78 -6.27 -10.48 -3.04
C ILE A 78 -5.49 -10.52 -4.34
N SER A 79 -6.04 -11.21 -5.34
CA SER A 79 -5.40 -11.32 -6.63
C SER A 79 -5.44 -10.00 -7.39
N GLY A 80 -4.87 -8.95 -6.79
CA GLY A 80 -4.86 -7.66 -7.44
C GLY A 80 -3.90 -6.70 -6.77
N SER A 81 -3.74 -5.52 -7.37
CA SER A 81 -2.86 -4.52 -6.81
C SER A 81 -3.50 -3.96 -5.55
N GLY A 82 -2.81 -3.02 -4.90
CA GLY A 82 -3.35 -2.41 -3.70
C GLY A 82 -4.76 -1.89 -3.92
N HIS A 83 -5.00 -1.26 -5.07
CA HIS A 83 -6.32 -0.74 -5.39
C HIS A 83 -7.35 -1.83 -5.29
N CYS A 84 -7.05 -2.99 -5.88
CA CYS A 84 -7.97 -4.09 -5.87
C CYS A 84 -8.34 -4.54 -4.44
N ALA A 85 -7.42 -4.41 -3.50
CA ALA A 85 -7.68 -4.82 -2.12
C ALA A 85 -8.68 -3.85 -1.48
N LEU A 86 -8.57 -2.58 -1.84
CA LEU A 86 -9.44 -1.56 -1.36
C LEU A 86 -10.86 -1.83 -1.82
N GLU A 87 -11.03 -2.16 -3.10
CA GLU A 87 -12.35 -2.45 -3.65
C GLU A 87 -12.94 -3.70 -3.02
N ALA A 88 -12.12 -4.72 -2.84
CA ALA A 88 -12.60 -5.95 -2.26
C ALA A 88 -13.16 -5.64 -0.87
N ALA A 89 -12.55 -4.70 -0.16
CA ALA A 89 -13.00 -4.33 1.15
C ALA A 89 -14.28 -3.51 1.08
N LEU A 90 -14.28 -2.46 0.27
CA LEU A 90 -15.44 -1.60 0.15
C LEU A 90 -16.67 -2.26 -0.47
N VAL A 91 -16.48 -3.04 -1.52
CA VAL A 91 -17.58 -3.69 -2.21
C VAL A 91 -18.25 -4.81 -1.41
N ASN A 92 -17.54 -5.39 -0.45
CA ASN A 92 -18.09 -6.47 0.35
C ASN A 92 -18.67 -5.96 1.65
N VAL A 93 -18.17 -4.82 2.13
CA VAL A 93 -18.62 -4.26 3.38
C VAL A 93 -19.75 -3.25 3.23
N LEU A 94 -19.67 -2.38 2.24
CA LEU A 94 -20.72 -1.39 2.05
C LEU A 94 -21.81 -1.87 1.10
N GLU A 95 -23.05 -1.84 1.59
CA GLU A 95 -24.21 -2.21 0.80
C GLU A 95 -24.69 -0.88 0.25
N PRO A 96 -25.29 -0.87 -0.95
CA PRO A 96 -25.76 0.40 -1.51
C PRO A 96 -26.58 1.23 -0.52
N GLY A 97 -26.07 2.40 -0.12
CA GLY A 97 -26.76 3.29 0.79
C GLY A 97 -26.23 3.28 2.21
N ASP A 98 -25.07 2.67 2.43
CA ASP A 98 -24.50 2.56 3.77
C ASP A 98 -23.79 3.73 4.44
N SER A 99 -23.79 4.92 3.87
CA SER A 99 -23.13 6.05 4.56
C SER A 99 -21.68 5.67 4.91
N PHE A 100 -20.76 6.18 4.12
CA PHE A 100 -19.34 5.88 4.28
C PHE A 100 -18.56 7.14 4.64
N LEU A 101 -17.86 7.10 5.77
CA LEU A 101 -17.06 8.24 6.22
C LEU A 101 -15.62 8.08 5.72
N VAL A 102 -15.14 9.07 4.99
CA VAL A 102 -13.80 8.98 4.44
C VAL A 102 -12.84 10.10 4.82
N GLY A 103 -11.62 9.71 5.18
CA GLY A 103 -10.61 10.70 5.53
C GLY A 103 -9.83 11.02 4.26
N ALA A 104 -10.32 12.00 3.51
CA ALA A 104 -9.69 12.40 2.25
C ALA A 104 -8.55 13.41 2.38
N ASN A 105 -7.41 12.98 2.88
CA ASN A 105 -6.26 13.88 3.04
C ASN A 105 -5.15 13.61 2.01
N GLY A 106 -5.48 12.84 0.98
CA GLY A 106 -4.53 12.52 -0.07
C GLY A 106 -5.28 11.93 -1.25
N ILE A 107 -4.56 11.32 -2.18
CA ILE A 107 -5.21 10.72 -3.33
C ILE A 107 -5.96 9.45 -2.95
N TRP A 108 -5.48 8.75 -1.92
CA TRP A 108 -6.09 7.50 -1.51
C TRP A 108 -7.52 7.64 -0.97
N GLY A 109 -7.75 8.57 -0.05
CA GLY A 109 -9.09 8.76 0.48
C GLY A 109 -10.01 9.13 -0.67
N GLN A 110 -9.47 9.87 -1.63
CA GLN A 110 -10.22 10.29 -2.80
C GLN A 110 -10.56 9.05 -3.63
N ARG A 111 -9.62 8.11 -3.67
CA ARG A 111 -9.80 6.89 -4.42
C ARG A 111 -10.91 6.12 -3.70
N ALA A 112 -10.89 6.15 -2.37
CA ALA A 112 -11.89 5.48 -1.55
C ALA A 112 -13.28 6.11 -1.80
N VAL A 113 -13.34 7.43 -1.93
CA VAL A 113 -14.60 8.09 -2.18
C VAL A 113 -15.11 7.63 -3.55
N ASP A 114 -14.29 7.82 -4.58
CA ASP A 114 -14.63 7.43 -5.95
C ASP A 114 -15.23 6.02 -5.96
N ILE A 115 -14.57 5.07 -5.30
CA ILE A 115 -15.04 3.70 -5.24
C ILE A 115 -16.39 3.60 -4.53
N GLY A 116 -16.46 4.11 -3.30
CA GLY A 116 -17.71 4.07 -2.56
C GLY A 116 -18.86 4.68 -3.35
N GLU A 117 -18.59 5.76 -4.06
CA GLU A 117 -19.60 6.43 -4.85
C GLU A 117 -20.06 5.46 -5.95
N ARG A 118 -19.11 4.79 -6.59
CA ARG A 118 -19.39 3.85 -7.65
C ARG A 118 -20.25 2.69 -7.16
N ILE A 119 -20.05 2.26 -5.92
CA ILE A 119 -20.83 1.15 -5.39
C ILE A 119 -22.09 1.65 -4.66
N GLY A 120 -22.48 2.88 -4.97
CA GLY A 120 -23.67 3.47 -4.40
C GLY A 120 -23.79 3.57 -2.89
N ALA A 121 -22.82 4.20 -2.25
CA ALA A 121 -22.86 4.38 -0.81
C ALA A 121 -22.97 5.87 -0.52
N ARG A 122 -23.63 6.25 0.57
CA ARG A 122 -23.75 7.66 0.91
C ARG A 122 -22.37 8.06 1.42
N VAL A 123 -21.55 8.63 0.55
CA VAL A 123 -20.18 9.00 0.93
C VAL A 123 -19.99 10.41 1.46
N HIS A 124 -19.34 10.49 2.62
CA HIS A 124 -19.08 11.76 3.27
C HIS A 124 -17.56 11.97 3.40
N PRO A 125 -16.99 12.81 2.53
CA PRO A 125 -15.55 13.07 2.56
C PRO A 125 -15.15 14.10 3.61
N MET A 126 -14.13 13.77 4.39
CA MET A 126 -13.61 14.67 5.41
C MET A 126 -12.34 15.22 4.76
N THR A 127 -12.48 16.24 3.92
CA THR A 127 -11.34 16.81 3.21
C THR A 127 -10.28 17.46 4.12
N LYS A 128 -9.12 17.73 3.53
CA LYS A 128 -7.98 18.34 4.22
C LYS A 128 -6.82 18.53 3.25
N ASP A 129 -6.16 19.69 3.28
CA ASP A 129 -5.03 19.93 2.40
C ASP A 129 -3.96 18.87 2.61
N PRO A 130 -3.17 18.58 1.56
CA PRO A 130 -2.11 17.58 1.68
C PRO A 130 -1.12 17.95 2.77
N GLY A 131 -0.72 16.97 3.57
CA GLY A 131 0.21 17.23 4.66
C GLY A 131 -0.50 17.07 5.99
N GLY A 132 -1.82 17.19 5.96
CA GLY A 132 -2.58 17.07 7.19
C GLY A 132 -3.04 15.67 7.53
N HIS A 133 -3.37 15.47 8.80
CA HIS A 133 -3.88 14.20 9.29
C HIS A 133 -5.20 14.47 10.01
N TYR A 134 -5.77 13.45 10.66
CA TYR A 134 -7.05 13.63 11.33
C TYR A 134 -7.00 13.41 12.83
N THR A 135 -7.60 14.35 13.57
CA THR A 135 -7.64 14.26 15.02
C THR A 135 -8.75 13.28 15.40
N LEU A 136 -8.74 12.82 16.64
CA LEU A 136 -9.77 11.90 17.10
C LEU A 136 -11.06 12.73 17.10
N GLN A 137 -10.90 14.02 17.39
CA GLN A 137 -12.01 14.97 17.43
C GLN A 137 -12.69 15.11 16.10
N GLU A 138 -11.98 15.67 15.12
CA GLU A 138 -12.52 15.87 13.79
C GLU A 138 -13.33 14.69 13.28
N VAL A 139 -12.99 13.47 13.73
CA VAL A 139 -13.69 12.28 13.30
C VAL A 139 -15.06 12.09 13.99
N GLU A 140 -15.17 12.44 15.27
CA GLU A 140 -16.46 12.32 15.96
C GLU A 140 -17.50 13.19 15.30
N GLU A 141 -17.10 14.38 14.88
CA GLU A 141 -18.03 15.26 14.22
C GLU A 141 -18.57 14.49 13.03
N GLY A 142 -17.66 13.97 12.22
CA GLY A 142 -18.08 13.21 11.07
C GLY A 142 -18.98 12.06 11.47
N LEU A 143 -18.54 11.27 12.45
CA LEU A 143 -19.31 10.13 12.93
C LEU A 143 -20.70 10.52 13.44
N ALA A 144 -20.79 11.65 14.14
CA ALA A 144 -22.04 12.13 14.67
C ALA A 144 -22.92 12.71 13.57
N GLN A 145 -22.34 13.51 12.69
CA GLN A 145 -23.11 14.09 11.60
C GLN A 145 -23.63 13.11 10.56
N HIS A 146 -23.02 11.93 10.44
CA HIS A 146 -23.45 11.01 9.43
C HIS A 146 -23.64 9.56 9.84
N LYS A 147 -23.43 9.25 11.12
CA LYS A 147 -23.60 7.89 11.63
C LYS A 147 -23.16 6.86 10.60
N PRO A 148 -21.91 6.96 10.12
CA PRO A 148 -21.34 6.05 9.13
C PRO A 148 -21.24 4.60 9.60
N VAL A 149 -21.35 3.67 8.67
CA VAL A 149 -21.24 2.26 9.00
C VAL A 149 -19.78 1.88 8.86
N LEU A 150 -19.05 2.61 8.02
CA LEU A 150 -17.66 2.35 7.80
C LEU A 150 -16.87 3.63 7.72
N LEU A 151 -15.68 3.62 8.30
CA LEU A 151 -14.79 4.76 8.29
C LEU A 151 -13.48 4.35 7.61
N PHE A 152 -12.95 5.19 6.74
CA PHE A 152 -11.70 4.87 6.06
C PHE A 152 -10.57 5.80 6.47
N LEU A 153 -9.38 5.24 6.71
CA LEU A 153 -8.23 6.03 7.08
C LEU A 153 -6.93 5.50 6.46
N THR A 154 -6.15 6.41 5.90
CA THR A 154 -4.87 6.07 5.31
C THR A 154 -3.82 6.10 6.42
N HIS A 155 -3.21 4.97 6.71
CA HIS A 155 -2.19 4.92 7.72
C HIS A 155 -0.99 5.72 7.18
N GLY A 156 -0.45 5.27 6.04
CA GLY A 156 0.67 5.96 5.45
C GLY A 156 0.38 6.59 4.11
N GLU A 157 0.15 7.89 4.11
CA GLU A 157 -0.11 8.62 2.87
C GLU A 157 1.14 8.77 2.03
N SER A 158 1.33 7.81 1.13
CA SER A 158 2.47 7.82 0.26
C SER A 158 2.33 9.01 -0.67
N SER A 159 1.14 9.59 -0.67
CA SER A 159 0.83 10.73 -1.52
C SER A 159 1.32 12.07 -0.94
N THR A 160 1.33 12.17 0.38
CA THR A 160 1.72 13.40 1.04
C THR A 160 2.91 13.25 1.99
N GLY A 161 3.24 12.02 2.38
CA GLY A 161 4.35 11.80 3.27
C GLY A 161 3.91 11.76 4.73
N VAL A 162 2.61 11.92 4.95
CA VAL A 162 2.03 11.92 6.28
C VAL A 162 1.82 10.52 6.86
N LEU A 163 1.99 10.43 8.18
CA LEU A 163 1.78 9.19 8.91
C LEU A 163 0.63 9.46 9.89
N GLN A 164 -0.44 8.68 9.80
CA GLN A 164 -1.58 8.83 10.69
C GLN A 164 -1.48 8.12 12.01
N PRO A 165 -1.89 8.80 13.09
CA PRO A 165 -1.87 8.18 14.41
C PRO A 165 -3.15 7.37 14.38
N LEU A 166 -3.12 6.14 14.85
CA LEU A 166 -4.32 5.32 14.82
C LEU A 166 -4.87 5.08 16.23
N ASP A 167 -4.18 5.59 17.24
CA ASP A 167 -4.60 5.42 18.62
C ASP A 167 -5.91 6.14 18.99
N GLY A 168 -6.77 5.44 19.70
CA GLY A 168 -8.03 6.03 20.14
C GLY A 168 -9.19 5.76 19.22
N PHE A 169 -8.90 5.30 18.00
CA PHE A 169 -9.96 5.04 17.06
C PHE A 169 -10.77 3.77 17.35
N ARG A 170 -10.23 2.82 18.12
CA ARG A 170 -11.03 1.65 18.50
C ARG A 170 -12.20 2.33 19.18
N GLU A 171 -11.81 2.88 20.33
CA GLU A 171 -12.57 3.60 21.28
C GLU A 171 -13.74 4.24 20.55
N LEU A 172 -13.39 5.26 19.77
CA LEU A 172 -14.32 6.04 19.00
C LEU A 172 -15.22 5.20 18.12
N CYS A 173 -14.63 4.43 17.21
CA CYS A 173 -15.39 3.60 16.29
C CYS A 173 -16.37 2.64 16.96
N HIS A 174 -16.05 2.13 18.14
CA HIS A 174 -16.98 1.24 18.80
C HIS A 174 -18.08 2.11 19.41
N ARG A 175 -17.67 3.21 20.03
CA ARG A 175 -18.61 4.14 20.65
C ARG A 175 -19.63 4.60 19.60
N TYR A 176 -19.44 4.23 18.34
CA TYR A 176 -20.35 4.64 17.28
C TYR A 176 -20.76 3.51 16.35
N LYS A 177 -20.49 2.27 16.77
CA LYS A 177 -20.83 1.12 15.96
C LYS A 177 -20.32 1.23 14.54
N CYS A 178 -19.16 1.87 14.38
CA CYS A 178 -18.56 2.07 13.06
C CYS A 178 -17.33 1.18 12.81
N LEU A 179 -17.30 0.52 11.66
CA LEU A 179 -16.18 -0.33 11.30
C LEU A 179 -14.98 0.52 10.91
N LEU A 180 -13.79 0.10 11.32
CA LEU A 180 -12.58 0.86 11.00
C LEU A 180 -11.76 0.19 9.89
N LEU A 181 -11.66 0.86 8.74
CA LEU A 181 -10.90 0.37 7.59
C LEU A 181 -9.64 1.18 7.42
N VAL A 182 -8.48 0.54 7.50
CA VAL A 182 -7.22 1.25 7.35
C VAL A 182 -6.35 0.74 6.21
N ASP A 183 -5.75 1.68 5.49
CA ASP A 183 -4.89 1.38 4.36
C ASP A 183 -3.45 1.33 4.88
N SER A 184 -2.78 0.19 4.77
CA SER A 184 -1.38 0.10 5.24
C SER A 184 -0.46 -0.37 4.10
N VAL A 185 -0.80 -0.02 2.88
CA VAL A 185 -0.01 -0.40 1.73
C VAL A 185 1.40 0.19 1.84
N ALA A 186 1.49 1.47 2.20
CA ALA A 186 2.77 2.16 2.32
C ALA A 186 3.39 2.08 3.72
N SER A 187 2.59 1.79 4.75
CA SER A 187 3.13 1.73 6.10
C SER A 187 3.60 0.35 6.54
N LEU A 188 2.91 -0.70 6.11
CA LEU A 188 3.28 -2.06 6.52
C LEU A 188 4.80 -2.32 6.47
N GLY A 189 5.39 -2.74 7.59
CA GLY A 189 6.81 -3.02 7.63
C GLY A 189 7.75 -1.84 7.89
N GLY A 190 7.26 -0.62 7.72
CA GLY A 190 8.11 0.56 7.93
C GLY A 190 7.84 1.38 9.18
N THR A 191 6.72 1.11 9.85
CA THR A 191 6.34 1.80 11.08
C THR A 191 5.44 0.88 11.90
N PRO A 192 5.39 1.05 13.22
CA PRO A 192 4.54 0.21 14.06
C PRO A 192 3.08 0.14 13.63
N LEU A 193 2.50 -1.05 13.72
CA LEU A 193 1.12 -1.28 13.36
C LEU A 193 0.68 -2.59 14.01
N TYR A 194 -0.53 -2.63 14.55
CA TYR A 194 -1.06 -3.83 15.18
C TYR A 194 -2.58 -3.89 14.99
N MET A 195 -3.07 -4.69 14.03
CA MET A 195 -4.52 -4.78 13.83
C MET A 195 -5.33 -4.87 15.10
N ASP A 196 -5.28 -6.03 15.75
CA ASP A 196 -6.00 -6.29 16.97
C ASP A 196 -5.79 -5.19 18.03
N ARG A 197 -4.56 -5.02 18.51
CA ARG A 197 -4.26 -4.00 19.51
C ARG A 197 -4.91 -2.66 19.21
N GLN A 198 -4.89 -2.27 17.95
CA GLN A 198 -5.40 -0.97 17.55
C GLN A 198 -6.85 -0.98 17.08
N GLY A 199 -7.50 -2.13 17.19
CA GLY A 199 -8.90 -2.23 16.78
C GLY A 199 -9.25 -1.87 15.34
N ILE A 200 -8.60 -2.52 14.39
CA ILE A 200 -8.89 -2.26 12.99
C ILE A 200 -9.78 -3.41 12.51
N ASP A 201 -10.89 -3.09 11.85
CA ASP A 201 -11.80 -4.11 11.36
C ASP A 201 -11.37 -4.66 10.00
N ILE A 202 -10.84 -3.79 9.17
CA ILE A 202 -10.36 -4.21 7.86
C ILE A 202 -9.01 -3.54 7.59
N LEU A 203 -7.98 -4.35 7.40
CA LEU A 203 -6.63 -3.87 7.13
C LEU A 203 -6.16 -4.45 5.79
N TYR A 204 -5.50 -3.65 4.96
CA TYR A 204 -4.99 -4.16 3.69
C TYR A 204 -3.70 -3.43 3.31
N SER A 205 -2.84 -4.14 2.60
CA SER A 205 -1.57 -3.60 2.16
C SER A 205 -1.19 -4.19 0.80
N GLY A 206 -0.18 -3.60 0.16
CA GLY A 206 0.27 -4.09 -1.13
C GLY A 206 1.48 -4.97 -0.92
N SER A 207 1.94 -5.60 -1.99
CA SER A 207 3.10 -6.48 -1.90
C SER A 207 4.39 -5.81 -2.39
N GLN A 208 4.27 -4.77 -3.22
CA GLN A 208 5.44 -4.10 -3.78
C GLN A 208 6.08 -2.93 -3.01
N ALA A 210 7.16 -2.02 1.16
CA ALA A 210 8.26 -2.35 2.05
C ALA A 210 8.54 -3.85 2.03
N LEU A 211 7.60 -4.60 1.47
CA LEU A 211 7.72 -6.05 1.39
C LEU A 211 8.67 -6.48 0.27
N ASN A 212 8.91 -5.61 -0.71
CA ASN A 212 9.83 -5.93 -1.80
C ASN A 212 9.39 -7.07 -2.73
N ALA A 213 8.09 -7.31 -2.85
CA ALA A 213 7.62 -8.36 -3.76
C ALA A 213 7.18 -7.64 -5.04
N PRO A 214 6.99 -8.37 -6.14
CA PRO A 214 6.57 -7.66 -7.34
C PRO A 214 5.11 -7.21 -7.23
N PRO A 215 4.72 -6.12 -7.90
CA PRO A 215 3.35 -5.59 -7.86
C PRO A 215 2.35 -6.60 -8.39
N GLY A 216 1.08 -6.48 -8.02
CA GLY A 216 0.09 -7.42 -8.54
C GLY A 216 -0.76 -8.13 -7.52
N THR A 217 -0.25 -8.30 -6.30
CA THR A 217 -1.01 -8.95 -5.24
C THR A 217 -1.12 -8.01 -4.06
N SER A 218 -2.04 -8.27 -3.14
CA SER A 218 -2.19 -7.42 -1.97
C SER A 218 -2.71 -8.24 -0.79
N LEU A 219 -2.45 -7.77 0.42
CA LEU A 219 -2.86 -8.48 1.63
C LEU A 219 -4.08 -7.83 2.26
N ILE A 220 -4.91 -8.64 2.89
CA ILE A 220 -6.12 -8.12 3.52
C ILE A 220 -6.57 -9.00 4.68
N SER A 221 -7.17 -8.39 5.69
CA SER A 221 -7.66 -9.13 6.84
C SER A 221 -8.91 -8.48 7.38
N PHE A 222 -9.91 -9.29 7.74
CA PHE A 222 -11.17 -8.80 8.27
C PHE A 222 -11.41 -9.30 9.70
N SER A 223 -11.89 -8.43 10.58
CA SER A 223 -12.17 -8.81 11.96
C SER A 223 -13.48 -9.57 12.03
N ASP A 224 -13.79 -10.14 13.19
CA ASP A 224 -15.04 -10.87 13.38
C ASP A 224 -16.21 -9.93 13.10
N LYS A 225 -16.08 -8.67 13.52
CA LYS A 225 -17.14 -7.70 13.29
C LYS A 225 -17.36 -7.60 11.78
N ALA A 226 -16.33 -7.17 11.05
CA ALA A 226 -16.41 -7.04 9.60
C ALA A 226 -17.04 -8.29 9.00
N LYS A 227 -16.62 -9.46 9.45
CA LYS A 227 -17.20 -10.72 8.96
C LYS A 227 -18.72 -10.70 8.92
N LYS A 228 -19.37 -10.63 10.09
CA LYS A 228 -20.83 -10.62 10.16
C LYS A 228 -21.41 -9.73 9.08
N LYS A 229 -21.05 -8.45 9.05
CA LYS A 229 -21.56 -7.64 7.96
C LYS A 229 -21.57 -8.37 6.65
N MET A 230 -20.37 -8.64 6.15
CA MET A 230 -20.18 -9.29 4.89
C MET A 230 -20.99 -10.57 4.75
N TYR A 231 -21.06 -11.36 5.82
CA TYR A 231 -21.79 -12.60 5.76
C TYR A 231 -23.30 -12.51 6.01
N SER A 232 -23.78 -11.36 6.51
CA SER A 232 -25.19 -11.18 6.79
C SER A 232 -25.86 -10.30 5.75
N ARG A 233 -25.08 -9.82 4.79
CA ARG A 233 -25.57 -8.96 3.72
C ARG A 233 -26.77 -9.58 3.03
N LYS A 234 -27.78 -8.76 2.71
CA LYS A 234 -28.94 -9.26 2.01
C LYS A 234 -28.71 -9.08 0.51
N THR A 235 -27.81 -8.16 0.17
CA THR A 235 -27.48 -7.87 -1.22
C THR A 235 -26.19 -8.55 -1.66
N LYS A 236 -26.13 -8.98 -2.92
CA LYS A 236 -24.91 -9.61 -3.44
C LYS A 236 -24.00 -8.45 -3.83
N PRO A 237 -22.73 -8.46 -3.38
CA PRO A 237 -21.85 -7.35 -3.77
C PRO A 237 -21.67 -7.33 -5.28
N PHE A 238 -21.58 -6.14 -5.86
CA PHE A 238 -21.45 -6.00 -7.31
C PHE A 238 -20.36 -6.84 -7.97
N SER A 239 -19.30 -7.17 -7.24
CA SER A 239 -18.23 -7.95 -7.80
C SER A 239 -18.32 -9.44 -7.52
N PHE A 240 -17.81 -10.24 -8.45
CA PHE A 240 -17.77 -11.69 -8.29
C PHE A 240 -16.32 -12.06 -8.02
N TYR A 241 -15.42 -11.49 -8.81
CA TYR A 241 -13.98 -11.73 -8.70
C TYR A 241 -13.51 -11.44 -7.29
N LEU A 242 -14.11 -10.44 -6.66
CA LEU A 242 -13.73 -10.02 -5.31
C LEU A 242 -14.75 -10.42 -4.23
N ASP A 243 -15.71 -11.27 -4.56
CA ASP A 243 -16.68 -11.67 -3.55
C ASP A 243 -15.92 -12.38 -2.43
N ILE A 244 -16.14 -11.95 -1.20
CA ILE A 244 -15.43 -12.50 -0.06
C ILE A 244 -15.86 -13.89 0.37
N LYS A 245 -17.09 -14.28 0.08
CA LYS A 245 -17.54 -15.59 0.48
C LYS A 245 -16.79 -16.64 -0.34
N TRP A 246 -16.63 -16.37 -1.64
CA TRP A 246 -15.91 -17.26 -2.53
C TRP A 246 -14.43 -17.25 -2.16
N LEU A 247 -13.87 -16.04 -2.03
CA LEU A 247 -12.47 -15.85 -1.68
C LEU A 247 -12.12 -16.53 -0.36
N ALA A 248 -12.92 -16.27 0.66
CA ALA A 248 -12.70 -16.87 1.97
C ALA A 248 -12.60 -18.38 1.87
N ASN A 249 -13.56 -19.00 1.18
CA ASN A 249 -13.55 -20.44 1.03
C ASN A 249 -12.32 -21.00 0.34
N PHE A 250 -11.96 -20.45 -0.80
CA PHE A 250 -10.81 -20.95 -1.51
C PHE A 250 -9.53 -20.86 -0.69
N TRP A 251 -9.37 -19.80 0.09
CA TRP A 251 -8.18 -19.66 0.92
C TRP A 251 -8.19 -20.44 2.22
N GLY A 252 -9.10 -21.39 2.37
CA GLY A 252 -9.17 -22.19 3.59
C GLY A 252 -9.63 -21.48 4.84
N CYS A 253 -10.53 -20.52 4.69
CA CYS A 253 -11.04 -19.77 5.81
C CYS A 253 -12.40 -20.29 6.28
N ASP A 254 -13.00 -21.20 5.52
CA ASP A 254 -14.30 -21.81 5.84
C ASP A 254 -14.12 -23.15 6.51
N ASP A 255 -15.22 -23.88 6.58
CA ASP A 255 -15.26 -25.21 7.13
C ASP A 255 -15.56 -26.08 5.92
N GLN A 256 -15.86 -25.42 4.81
CA GLN A 256 -16.21 -26.09 3.57
C GLN A 256 -14.97 -26.45 2.76
N PRO A 257 -15.03 -27.53 1.96
CA PRO A 257 -13.85 -27.87 1.16
C PRO A 257 -13.54 -26.72 0.22
N ARG A 258 -12.31 -26.65 -0.27
CA ARG A 258 -11.91 -25.58 -1.15
C ARG A 258 -12.55 -25.70 -2.55
N MET A 259 -13.38 -24.72 -2.91
CA MET A 259 -14.04 -24.68 -4.20
C MET A 259 -13.25 -23.81 -5.15
N TYR A 260 -13.34 -24.09 -6.45
CA TYR A 260 -12.65 -23.29 -7.43
C TYR A 260 -13.39 -21.98 -7.65
N HIS A 261 -12.66 -20.88 -7.55
CA HIS A 261 -13.22 -19.57 -7.77
C HIS A 261 -12.50 -19.03 -9.01
N HIS A 262 -11.26 -18.58 -8.83
CA HIS A 262 -10.48 -18.07 -9.94
C HIS A 262 -9.08 -18.66 -9.76
N THR A 263 -8.24 -18.59 -10.78
CA THR A 263 -6.90 -19.11 -10.68
C THR A 263 -5.97 -18.04 -10.10
N ILE A 264 -5.46 -18.31 -8.91
CA ILE A 264 -4.55 -17.39 -8.23
C ILE A 264 -3.23 -17.26 -9.00
N PRO A 265 -2.50 -16.14 -8.81
CA PRO A 265 -1.24 -15.96 -9.52
C PRO A 265 -0.10 -16.74 -8.84
N VAL A 266 -0.02 -18.03 -9.16
CA VAL A 266 0.96 -18.94 -8.58
C VAL A 266 2.39 -18.39 -8.48
N ILE A 267 3.02 -18.01 -9.60
CA ILE A 267 4.37 -17.47 -9.54
C ILE A 267 4.45 -16.30 -8.57
N SER A 268 3.48 -15.38 -8.61
CA SER A 268 3.50 -14.24 -7.70
C SER A 268 3.35 -14.67 -6.24
N LEU A 269 2.65 -15.78 -5.97
CA LEU A 269 2.52 -16.24 -4.60
C LEU A 269 3.87 -16.76 -4.09
N TYR A 270 4.62 -17.46 -4.95
CA TYR A 270 5.95 -17.97 -4.58
C TYR A 270 6.73 -16.79 -3.98
N SER A 271 6.77 -15.69 -4.73
CA SER A 271 7.47 -14.47 -4.35
C SER A 271 6.91 -13.78 -3.14
N LEU A 272 5.59 -13.77 -2.97
CA LEU A 272 5.00 -13.13 -1.78
C LEU A 272 5.45 -13.94 -0.57
N ARG A 273 5.45 -15.27 -0.67
CA ARG A 273 5.94 -16.15 0.41
C ARG A 273 7.29 -15.69 0.91
N GLU A 274 8.24 -15.84 0.01
CA GLU A 274 9.62 -15.54 0.20
C GLU A 274 9.74 -14.15 0.83
N SER A 275 9.01 -13.17 0.30
CA SER A 275 9.13 -11.82 0.87
C SER A 275 8.58 -11.77 2.30
N LEU A 276 7.64 -12.66 2.62
CA LEU A 276 7.05 -12.71 3.95
C LEU A 276 7.97 -13.52 4.86
N ALA A 277 8.75 -14.41 4.28
CA ALA A 277 9.69 -15.23 5.03
C ALA A 277 10.93 -14.37 5.31
N LEU A 278 11.20 -13.41 4.44
CA LEU A 278 12.34 -12.54 4.61
C LEU A 278 12.10 -11.63 5.81
N ILE A 279 10.96 -10.95 5.83
CA ILE A 279 10.64 -10.05 6.94
C ILE A 279 10.43 -10.82 8.22
N ALA A 280 10.13 -12.12 8.12
CA ALA A 280 9.95 -12.94 9.30
C ALA A 280 11.34 -13.19 9.89
N GLU A 281 12.34 -13.36 9.03
CA GLU A 281 13.70 -13.59 9.46
C GLU A 281 14.26 -12.34 10.16
N GLN A 282 14.03 -11.15 9.60
CA GLN A 282 14.48 -9.96 10.28
C GLN A 282 13.84 -9.93 11.65
N GLY A 283 12.54 -9.68 11.61
CA GLY A 283 11.73 -9.55 12.79
C GLY A 283 11.01 -8.26 12.52
N LEU A 284 9.71 -8.21 12.77
CA LEU A 284 8.92 -7.03 12.51
C LEU A 284 9.52 -5.79 13.16
N GLU A 285 10.01 -5.91 14.39
CA GLU A 285 10.58 -4.76 15.11
C GLU A 285 11.92 -4.27 14.58
N ASN A 286 12.76 -5.18 14.10
CA ASN A 286 14.03 -4.74 13.55
C ASN A 286 13.72 -3.96 12.27
N SER A 287 12.77 -4.47 11.49
CA SER A 287 12.39 -3.80 10.25
C SER A 287 11.93 -2.39 10.56
N TRP A 288 11.28 -2.22 11.70
CA TRP A 288 10.79 -0.91 12.10
C TRP A 288 11.94 0.04 12.43
N ARG A 289 13.00 -0.47 13.04
CA ARG A 289 14.16 0.35 13.37
C ARG A 289 14.79 0.82 12.07
N GLN A 290 15.04 -0.11 11.15
CA GLN A 290 15.62 0.23 9.85
C GLN A 290 15.04 1.46 9.21
N HIS A 291 13.74 1.40 8.92
CA HIS A 291 13.05 2.49 8.28
C HIS A 291 13.08 3.77 9.11
N ARG A 292 12.93 3.65 10.42
CA ARG A 292 12.97 4.84 11.28
C ARG A 292 14.35 5.49 11.23
N GLU A 293 15.37 4.68 11.46
CA GLU A 293 16.75 5.12 11.45
C GLU A 293 17.15 5.64 10.06
N ALA A 294 16.78 4.90 9.03
CA ALA A 294 17.11 5.32 7.67
C ALA A 294 16.41 6.64 7.35
N ALA A 295 15.11 6.70 7.61
CA ALA A 295 14.33 7.89 7.34
C ALA A 295 14.92 9.12 8.01
N ALA A 296 15.47 8.94 9.21
CA ALA A 296 16.06 10.05 9.95
C ALA A 296 17.29 10.54 9.17
N TYR A 297 18.20 9.62 8.88
CA TYR A 297 19.41 9.92 8.13
C TYR A 297 19.04 10.72 6.88
N LEU A 298 18.12 10.19 6.08
CA LEU A 298 17.68 10.85 4.87
C LEU A 298 17.23 12.29 5.12
N HIS A 299 16.46 12.50 6.18
CA HIS A 299 15.94 13.81 6.52
C HIS A 299 17.03 14.83 6.79
N GLY A 300 18.01 14.47 7.61
CA GLY A 300 19.09 15.41 7.89
C GLY A 300 19.90 15.68 6.63
N ARG A 301 20.20 14.62 5.90
CA ARG A 301 20.98 14.73 4.68
C ARG A 301 20.26 15.69 3.73
N LEU A 302 18.95 15.51 3.57
CA LEU A 302 18.16 16.36 2.69
C LEU A 302 18.11 17.80 3.16
N GLN A 303 17.98 18.02 4.46
CA GLN A 303 17.93 19.37 4.99
C GLN A 303 19.29 20.03 4.82
N ALA A 304 20.34 19.23 4.81
CA ALA A 304 21.69 19.74 4.63
C ALA A 304 21.85 20.24 3.20
N LEU A 305 21.18 19.61 2.23
CA LEU A 305 21.28 20.04 0.85
C LEU A 305 20.54 21.34 0.64
N GLY A 306 19.81 21.78 1.67
CA GLY A 306 19.08 23.03 1.57
C GLY A 306 17.62 22.85 1.19
N LEU A 307 17.19 21.60 1.10
CA LEU A 307 15.82 21.27 0.76
C LEU A 307 14.94 21.34 2.01
N GLN A 308 13.63 21.37 1.82
CA GLN A 308 12.71 21.43 2.95
C GLN A 308 11.83 20.19 3.04
N LEU A 309 11.34 19.88 4.23
CA LEU A 309 10.48 18.73 4.42
C LEU A 309 9.01 19.17 4.46
N PHE A 310 8.23 18.74 3.47
CA PHE A 310 6.81 19.07 3.34
C PHE A 310 6.09 18.89 4.69
N VAL A 311 6.32 17.75 5.31
CA VAL A 311 5.73 17.47 6.59
C VAL A 311 6.62 18.14 7.63
N LYS A 312 6.11 19.21 8.23
CA LYS A 312 6.84 19.96 9.22
C LYS A 312 7.03 19.25 10.56
N ASP A 313 6.08 18.40 10.95
CA ASP A 313 6.17 17.69 12.21
C ASP A 313 6.87 16.34 12.06
N PRO A 314 8.10 16.22 12.57
CA PRO A 314 8.90 14.98 12.50
C PRO A 314 8.15 13.72 12.88
N ALA A 315 7.25 13.81 13.85
CA ALA A 315 6.49 12.65 14.31
C ALA A 315 5.41 12.22 13.31
N LEU A 316 5.06 13.10 12.36
CA LEU A 316 4.05 12.79 11.35
C LEU A 316 4.69 12.26 10.08
N ARG A 317 6.00 12.45 9.92
CA ARG A 317 6.76 12.03 8.74
C ARG A 317 6.69 10.52 8.50
N LEU A 318 6.25 10.11 7.32
CA LEU A 318 6.18 8.68 7.00
C LEU A 318 7.60 8.19 6.66
N PRO A 319 8.14 7.25 7.46
CA PRO A 319 9.48 6.72 7.23
C PRO A 319 9.70 6.19 5.82
N THR A 320 8.71 5.44 5.31
CA THR A 320 8.76 4.81 3.99
C THR A 320 8.71 5.76 2.81
N VAL A 321 8.06 6.90 2.97
CA VAL A 321 7.93 7.86 1.88
C VAL A 321 8.10 9.27 2.41
N THR A 322 9.06 9.99 1.85
CA THR A 322 9.35 11.34 2.29
C THR A 322 9.00 12.41 1.27
N THR A 323 8.18 13.37 1.68
CA THR A 323 7.81 14.45 0.79
C THR A 323 8.75 15.60 0.99
N VAL A 324 9.20 16.19 -0.11
CA VAL A 324 10.12 17.31 -0.07
C VAL A 324 9.56 18.45 -0.92
N ALA A 325 9.42 19.63 -0.35
CA ALA A 325 8.90 20.75 -1.11
C ALA A 325 9.77 20.95 -2.33
N VAL A 326 9.16 21.30 -3.46
CA VAL A 326 9.90 21.53 -4.69
C VAL A 326 10.70 22.82 -4.52
N PRO A 327 12.04 22.76 -4.69
CA PRO A 327 12.93 23.92 -4.56
C PRO A 327 12.50 25.14 -5.38
N ALA A 328 12.54 26.29 -4.73
CA ALA A 328 12.16 27.58 -5.29
C ALA A 328 12.20 27.81 -6.80
N GLY A 329 13.38 27.84 -7.43
CA GLY A 329 13.41 28.12 -8.85
C GLY A 329 13.62 27.00 -9.86
N TYR A 330 13.40 25.75 -9.45
CA TYR A 330 13.57 24.63 -10.36
C TYR A 330 12.25 24.08 -10.90
N ASP A 331 12.31 23.47 -12.08
CA ASP A 331 11.14 22.84 -12.69
C ASP A 331 11.28 21.42 -12.16
N TRP A 332 10.46 21.04 -11.18
CA TRP A 332 10.56 19.72 -10.58
C TRP A 332 10.78 18.57 -11.56
N ARG A 333 10.22 18.68 -12.76
CA ARG A 333 10.40 17.66 -13.77
C ARG A 333 11.85 17.48 -14.18
N ASP A 334 12.62 18.57 -14.21
CA ASP A 334 14.03 18.50 -14.59
C ASP A 334 14.80 17.71 -13.54
N ILE A 335 14.52 17.98 -12.28
CA ILE A 335 15.20 17.30 -11.20
C ILE A 335 15.00 15.79 -11.27
N VAL A 336 13.76 15.34 -11.49
CA VAL A 336 13.49 13.92 -11.58
C VAL A 336 14.22 13.30 -12.78
N SER A 337 14.12 13.93 -13.94
CA SER A 337 14.78 13.42 -15.12
C SER A 337 16.29 13.42 -14.92
N TYR A 338 16.83 14.47 -14.32
CA TYR A 338 18.25 14.52 -14.11
C TYR A 338 18.74 13.37 -13.24
N VAL A 339 17.93 12.97 -12.27
CA VAL A 339 18.32 11.88 -11.39
C VAL A 339 18.35 10.55 -12.15
N ILE A 340 17.32 10.27 -12.95
CA ILE A 340 17.26 9.02 -13.67
C ILE A 340 18.24 8.96 -14.83
N ASP A 341 18.36 10.05 -15.59
CA ASP A 341 19.27 10.06 -16.74
C ASP A 341 20.74 9.90 -16.36
N HIS A 342 21.13 10.52 -15.24
CA HIS A 342 22.51 10.48 -14.80
C HIS A 342 22.85 9.46 -13.72
N PHE A 343 21.88 9.05 -12.91
CA PHE A 343 22.18 8.09 -11.86
C PHE A 343 21.40 6.78 -11.90
N ASP A 344 20.57 6.60 -12.91
CA ASP A 344 19.78 5.38 -13.02
C ASP A 344 18.92 5.22 -11.76
N ILE A 345 18.45 6.33 -11.20
CA ILE A 345 17.62 6.28 -9.99
C ILE A 345 16.24 6.89 -10.16
N GLU A 346 15.22 6.20 -9.65
CA GLU A 346 13.85 6.69 -9.66
C GLU A 346 13.47 7.47 -8.41
N ILE A 347 12.82 8.60 -8.62
CA ILE A 347 12.27 9.41 -7.55
C ILE A 347 11.06 10.02 -8.25
N MET A 348 9.94 10.11 -7.54
CA MET A 348 8.73 10.63 -8.17
C MET A 348 8.44 12.07 -7.75
N GLY A 349 7.49 12.69 -8.43
CA GLY A 349 7.07 14.02 -8.07
C GLY A 349 5.94 13.77 -7.09
N GLY A 350 4.88 14.56 -7.18
CA GLY A 350 3.75 14.38 -6.29
C GLY A 350 2.70 13.48 -6.94
N LEU A 351 1.63 13.19 -6.20
CA LEU A 351 0.56 12.35 -6.72
C LEU A 351 -0.75 12.93 -6.21
N GLY A 352 -1.71 13.15 -7.10
CA GLY A 352 -2.98 13.71 -6.67
C GLY A 352 -2.84 15.11 -6.08
N PRO A 353 -3.46 15.37 -4.92
CA PRO A 353 -3.38 16.68 -4.28
C PRO A 353 -1.97 17.25 -4.19
N SER A 354 -0.96 16.38 -4.06
CA SER A 354 0.42 16.82 -3.95
C SER A 354 1.09 17.00 -5.31
N THR A 355 0.36 16.74 -6.40
CA THR A 355 0.92 16.88 -7.74
C THR A 355 1.69 18.18 -7.92
N GLY A 356 2.88 18.09 -8.52
CA GLY A 356 3.71 19.26 -8.77
C GLY A 356 3.98 20.17 -7.59
N LYS A 357 3.90 19.63 -6.38
CA LYS A 357 4.14 20.45 -5.19
C LYS A 357 5.34 19.92 -4.42
N VAL A 358 5.72 18.67 -4.67
CA VAL A 358 6.81 18.04 -3.96
C VAL A 358 7.51 16.95 -4.76
N LEU A 359 8.54 16.37 -4.15
CA LEU A 359 9.28 15.27 -4.74
C LEU A 359 9.08 14.18 -3.71
N ARG A 360 8.98 12.93 -4.14
CA ARG A 360 8.77 11.85 -3.23
C ARG A 360 9.93 10.89 -3.31
N ILE A 361 10.52 10.57 -2.16
CA ILE A 361 11.64 9.64 -2.09
C ILE A 361 11.23 8.51 -1.16
N GLY A 362 11.38 7.27 -1.62
CA GLY A 362 11.00 6.15 -0.79
C GLY A 362 12.13 5.28 -0.27
N LEU A 363 11.93 4.72 0.92
CA LEU A 363 12.89 3.84 1.54
C LEU A 363 12.05 2.61 1.89
N LEU A 364 12.04 1.62 1.00
CA LEU A 364 11.23 0.43 1.18
C LEU A 364 11.96 -0.89 1.29
N GLY A 365 11.76 -1.58 2.42
CA GLY A 365 12.37 -2.86 2.66
C GLY A 365 13.89 -2.88 2.60
N CYS A 366 14.42 -3.89 1.92
CA CYS A 366 15.86 -4.04 1.76
C CYS A 366 16.50 -2.79 1.16
N ASN A 367 15.70 -1.89 0.59
CA ASN A 367 16.20 -0.68 0.00
C ASN A 367 16.33 0.46 1.03
N ALA A 368 15.55 0.40 2.10
CA ALA A 368 15.58 1.43 3.15
C ALA A 368 16.92 1.37 3.90
N THR A 369 17.99 1.83 3.25
CA THR A 369 19.32 1.79 3.85
C THR A 369 20.03 3.12 3.80
N ARG A 370 21.02 3.28 4.68
CA ARG A 370 21.84 4.49 4.71
C ARG A 370 22.51 4.61 3.35
N GLU A 371 22.97 3.47 2.83
CA GLU A 371 23.66 3.43 1.55
C GLU A 371 22.87 4.16 0.47
N ASN A 372 21.60 3.78 0.30
CA ASN A 372 20.77 4.42 -0.71
C ASN A 372 20.44 5.86 -0.32
N VAL A 373 20.42 6.15 0.97
CA VAL A 373 20.15 7.51 1.39
C VAL A 373 21.27 8.39 0.87
N ASP A 374 22.49 7.85 0.85
CA ASP A 374 23.64 8.59 0.36
C ASP A 374 23.56 8.71 -1.15
N ARG A 375 23.39 7.58 -1.83
CA ARG A 375 23.27 7.57 -3.28
C ARG A 375 22.27 8.59 -3.79
N VAL A 376 21.07 8.62 -3.21
CA VAL A 376 20.08 9.57 -3.68
C VAL A 376 20.42 10.98 -3.25
N THR A 377 21.06 11.14 -2.09
CA THR A 377 21.42 12.47 -1.59
C THR A 377 22.37 13.15 -2.57
N GLU A 378 23.31 12.39 -3.10
CA GLU A 378 24.26 12.94 -4.03
C GLU A 378 23.68 13.16 -5.43
N ALA A 379 22.71 12.35 -5.84
CA ALA A 379 22.10 12.53 -7.14
C ALA A 379 21.31 13.84 -7.09
N LEU A 380 20.70 14.11 -5.93
CA LEU A 380 19.94 15.33 -5.77
C LEU A 380 20.86 16.57 -5.81
N ARG A 381 22.08 16.47 -5.27
CA ARG A 381 23.01 17.59 -5.32
C ARG A 381 23.28 18.01 -6.73
N ALA A 382 23.73 17.07 -7.55
CA ALA A 382 24.04 17.34 -8.93
C ALA A 382 22.86 18.01 -9.62
N ALA A 383 21.67 17.43 -9.47
CA ALA A 383 20.49 17.99 -10.09
C ALA A 383 20.30 19.45 -9.69
N LEU A 384 20.54 19.77 -8.43
CA LEU A 384 20.39 21.15 -7.96
C LEU A 384 21.47 22.04 -8.57
N GLN A 385 22.65 21.48 -8.77
CA GLN A 385 23.78 22.21 -9.34
C GLN A 385 23.66 22.42 -10.84
N HIS A 386 23.18 21.42 -11.56
CA HIS A 386 23.11 21.50 -13.02
C HIS A 386 21.74 21.75 -13.65
N CYS A 387 20.64 21.61 -12.92
CA CYS A 387 19.33 21.86 -13.50
C CYS A 387 19.08 23.35 -13.64
N PRO A 388 18.40 23.78 -14.72
CA PRO A 388 18.09 25.20 -14.97
C PRO A 388 17.34 25.80 -13.78
N LYS A 389 17.75 26.98 -13.33
CA LYS A 389 17.10 27.61 -12.18
C LYS A 389 16.64 29.03 -12.46
N LYS A 390 15.40 29.34 -12.11
CA LYS A 390 14.83 30.67 -12.29
C LYS A 390 15.36 31.60 -11.21
#